data_3CQC
#
_entry.id   3CQC
#
_cell.length_a   51.744
_cell.length_b   127.936
_cell.length_c   152.738
_cell.angle_alpha   90.00
_cell.angle_beta   97.36
_cell.angle_gamma   90.00
#
_symmetry.space_group_name_H-M   'C 1 2 1'
#
loop_
_entity.id
_entity.type
_entity.pdbx_description
1 polymer 'Nuclear pore complex protein Nup107'
2 polymer 'Nuclear pore complex protein Nup133'
3 water water
#
loop_
_entity_poly.entity_id
_entity_poly.type
_entity_poly.pdbx_seq_one_letter_code
_entity_poly.pdbx_strand_id
1 'polypeptide(L)'
;GSPALDTGTTEEDRLKIDVIDWLVFDPAQRAEALKQGNAIMRKFLASKKHEAAKEVFVKIPQDSIAEIYNQCEEQGMESP
LPAEDDNAIREHLCIRAYLEAHETFNEWFKHMNSVPQKPALIPQPTFTEKVAHEHKEKKYEMDFGIWKGHLDALTADVKE
KMYNVLLFVDGGWMVDVREDAKEDHERTHQMVLLRKLCLPMLCFLLHTILHSTGQYQECLQLADMVSSERHKLYLVFSKE
ELRKLLQKLRESSLMLLDQGLDPLGYEIQL
;
A
2 'polypeptide(L)'
;MASHMLSWLHEINSQELEKAHATLLGLANMETRYFAKKKTLLGLSKLAALASDFSEDMLQEKIEEMAEQERFLLHQETLP
EQLLAEKQLNLSAMPVLTAPQLIGLYICEENRRANEYDFKKALDLLEYIDEEEDININDLKLEILCKALQRDNWSSSDGK
DDPIEVSKDSIFVKILQKLLKDGIQLSEYLPEVKDLLQADQLGSLKSNPYFEFVLKANYEYYVQGQI
;
B
#
# COMPACT_ATOMS: atom_id res chain seq x y z
N GLU A 12 9.80 25.60 -27.58
CA GLU A 12 8.42 25.46 -28.13
C GLU A 12 7.52 25.40 -26.92
N ASP A 13 8.18 25.39 -25.77
CA ASP A 13 7.54 25.16 -24.50
C ASP A 13 6.42 26.19 -24.38
N ARG A 14 6.86 27.43 -24.47
CA ARG A 14 5.94 28.56 -24.40
C ARG A 14 4.72 28.35 -25.29
N LEU A 15 4.94 27.84 -26.50
CA LEU A 15 3.82 27.56 -27.40
C LEU A 15 2.79 26.64 -26.77
N LYS A 16 3.27 25.58 -26.12
CA LYS A 16 2.37 24.70 -25.39
C LYS A 16 1.83 25.37 -24.12
N ILE A 17 2.71 25.85 -23.27
CA ILE A 17 2.24 26.42 -22.01
C ILE A 17 1.37 27.66 -22.19
N ASP A 18 1.53 28.36 -23.30
CA ASP A 18 0.75 29.57 -23.51
C ASP A 18 -0.61 29.30 -24.14
N VAL A 19 -0.70 28.31 -25.01
CA VAL A 19 -1.98 28.00 -25.68
C VAL A 19 -3.03 27.69 -24.64
N ILE A 20 -2.57 27.46 -23.41
CA ILE A 20 -3.45 27.20 -22.29
C ILE A 20 -4.15 28.47 -21.82
N ASP A 21 -3.46 29.59 -21.89
CA ASP A 21 -4.06 30.88 -21.54
C ASP A 21 -5.28 31.13 -22.42
N TRP A 22 -5.16 30.72 -23.68
CA TRP A 22 -6.21 30.87 -24.67
C TRP A 22 -7.45 30.03 -24.34
N LEU A 23 -7.25 28.75 -24.10
CA LEU A 23 -8.35 27.87 -23.79
C LEU A 23 -9.06 28.26 -22.50
N VAL A 24 -8.31 28.78 -21.53
CA VAL A 24 -8.85 29.09 -20.21
C VAL A 24 -9.64 30.38 -20.20
N PHE A 25 -9.36 31.22 -21.19
CA PHE A 25 -10.04 32.50 -21.34
C PHE A 25 -11.56 32.34 -21.37
N ASP A 26 -12.03 31.29 -22.03
CA ASP A 26 -13.45 31.07 -22.25
C ASP A 26 -14.01 29.94 -21.37
N PRO A 27 -14.76 30.30 -20.32
CA PRO A 27 -15.28 29.33 -19.35
C PRO A 27 -15.97 28.14 -20.00
N ALA A 28 -16.80 28.38 -21.01
CA ALA A 28 -17.48 27.30 -21.72
C ALA A 28 -16.49 26.25 -22.23
N GLN A 29 -15.21 26.60 -22.24
CA GLN A 29 -14.16 25.72 -22.76
C GLN A 29 -13.25 25.15 -21.66
N ARG A 30 -13.73 25.08 -20.43
CA ARG A 30 -12.88 24.63 -19.35
C ARG A 30 -12.54 23.14 -19.44
N ALA A 31 -13.50 22.32 -19.82
CA ALA A 31 -13.22 20.90 -20.02
C ALA A 31 -12.14 20.72 -21.08
N GLU A 32 -12.25 21.43 -22.18
CA GLU A 32 -11.23 21.32 -23.22
C GLU A 32 -9.88 21.84 -22.69
N ALA A 33 -9.94 22.88 -21.86
CA ALA A 33 -8.74 23.46 -21.25
C ALA A 33 -8.08 22.46 -20.29
N LEU A 34 -8.90 21.80 -19.50
CA LEU A 34 -8.41 20.77 -18.60
C LEU A 34 -7.72 19.68 -19.40
N LYS A 35 -8.40 19.17 -20.41
CA LYS A 35 -7.86 18.08 -21.22
C LYS A 35 -6.55 18.46 -21.90
N GLN A 36 -6.48 19.67 -22.46
CA GLN A 36 -5.28 20.04 -23.19
C GLN A 36 -4.14 20.36 -22.27
N GLY A 37 -4.46 20.90 -21.09
CA GLY A 37 -3.48 21.11 -20.03
C GLY A 37 -2.93 19.79 -19.51
N ASN A 38 -3.80 18.81 -19.30
CA ASN A 38 -3.33 17.49 -18.90
C ASN A 38 -2.33 16.94 -19.89
N ALA A 39 -2.61 17.15 -21.17
CA ALA A 39 -1.76 16.62 -22.23
C ALA A 39 -0.41 17.29 -22.18
N ILE A 40 -0.41 18.62 -22.13
CA ILE A 40 0.82 19.38 -22.01
C ILE A 40 1.62 18.90 -20.78
N MET A 41 0.95 18.76 -19.64
CA MET A 41 1.65 18.38 -18.44
C MET A 41 2.14 16.95 -18.49
N ARG A 42 1.44 16.08 -19.20
CA ARG A 42 1.93 14.72 -19.34
C ARG A 42 3.29 14.74 -20.03
N LYS A 43 3.44 15.55 -21.09
CA LYS A 43 4.73 15.68 -21.76
C LYS A 43 5.81 16.23 -20.81
N PHE A 44 5.49 17.34 -20.13
CA PHE A 44 6.45 17.95 -19.22
C PHE A 44 6.90 17.00 -18.12
N LEU A 45 5.95 16.28 -17.52
CA LEU A 45 6.24 15.34 -16.45
C LEU A 45 7.11 14.19 -16.96
N ALA A 46 6.95 13.84 -18.23
CA ALA A 46 7.75 12.78 -18.81
C ALA A 46 9.22 13.19 -18.90
N SER A 47 9.48 14.49 -18.94
CA SER A 47 10.86 15.00 -18.93
C SER A 47 11.19 15.61 -17.57
N LYS A 48 10.35 15.34 -16.58
CA LYS A 48 10.54 15.85 -15.22
C LYS A 48 10.62 17.39 -15.14
N LYS A 49 9.87 18.08 -15.99
CA LYS A 49 9.86 19.53 -15.95
C LYS A 49 8.74 20.01 -15.02
N HIS A 50 9.00 19.97 -13.72
CA HIS A 50 7.95 20.21 -12.73
C HIS A 50 7.54 21.67 -12.60
N GLU A 51 8.50 22.57 -12.72
CA GLU A 51 8.16 23.98 -12.77
C GLU A 51 7.25 24.24 -13.95
N ALA A 52 7.68 23.81 -15.13
CA ALA A 52 6.84 23.85 -16.33
C ALA A 52 5.43 23.30 -16.04
N ALA A 53 5.34 22.02 -15.66
CA ALA A 53 4.05 21.42 -15.34
C ALA A 53 3.31 22.25 -14.31
N LYS A 54 4.04 22.78 -13.33
CA LYS A 54 3.39 23.56 -12.28
C LYS A 54 2.90 24.88 -12.84
N GLU A 55 3.70 25.43 -13.76
CA GLU A 55 3.35 26.65 -14.48
C GLU A 55 2.02 26.46 -15.20
N VAL A 56 1.88 25.32 -15.88
CA VAL A 56 0.62 24.96 -16.53
C VAL A 56 -0.45 24.66 -15.50
N PHE A 57 -0.07 23.93 -14.47
CA PHE A 57 -1.04 23.52 -13.47
C PHE A 57 -1.73 24.72 -12.81
N VAL A 58 -0.97 25.76 -12.52
CA VAL A 58 -1.53 26.94 -11.87
C VAL A 58 -2.50 27.68 -12.82
N LYS A 59 -2.10 27.82 -14.09
CA LYS A 59 -2.94 28.48 -15.09
C LYS A 59 -4.36 27.94 -15.12
N ILE A 60 -4.52 26.69 -14.70
CA ILE A 60 -5.84 26.08 -14.60
C ILE A 60 -6.54 26.63 -13.37
N PRO A 61 -7.58 27.46 -13.57
CA PRO A 61 -8.30 28.05 -12.44
C PRO A 61 -8.65 27.01 -11.38
N GLN A 62 -8.20 27.26 -10.16
CA GLN A 62 -8.36 26.32 -9.06
C GLN A 62 -9.83 25.92 -8.85
N ASP A 63 -10.71 26.50 -9.66
CA ASP A 63 -12.14 26.26 -9.54
C ASP A 63 -12.74 25.68 -10.83
N SER A 64 -11.87 25.21 -11.71
CA SER A 64 -12.30 24.66 -13.01
C SER A 64 -13.10 23.39 -12.81
N ILE A 65 -12.69 22.59 -11.83
CA ILE A 65 -13.28 21.28 -11.62
C ILE A 65 -14.72 21.39 -11.15
N ALA A 66 -14.94 22.26 -10.17
CA ALA A 66 -16.29 22.51 -9.67
C ALA A 66 -17.20 22.92 -10.82
N GLU A 67 -16.82 24.01 -11.50
CA GLU A 67 -17.60 24.52 -12.63
C GLU A 67 -17.99 23.41 -13.61
N ILE A 68 -16.99 22.70 -14.11
CA ILE A 68 -17.15 21.69 -15.16
C ILE A 68 -18.33 20.75 -15.00
N TYR A 69 -18.78 20.56 -13.76
CA TYR A 69 -19.75 19.51 -13.46
C TYR A 69 -21.15 19.63 -14.12
N LEU A 81 -21.27 14.28 -17.64
CA LEU A 81 -19.91 13.76 -17.49
C LEU A 81 -19.57 12.69 -18.50
N PRO A 82 -19.14 13.11 -19.69
CA PRO A 82 -18.54 12.19 -20.67
C PRO A 82 -17.28 11.58 -20.08
N ALA A 83 -16.90 10.39 -20.55
CA ALA A 83 -15.76 9.69 -19.99
C ALA A 83 -14.48 10.53 -20.07
N GLU A 84 -14.25 11.17 -21.22
CA GLU A 84 -13.08 12.03 -21.38
C GLU A 84 -12.95 13.07 -20.25
N ASP A 85 -14.06 13.65 -19.78
CA ASP A 85 -14.01 14.71 -18.76
C ASP A 85 -13.84 14.15 -17.37
N ASP A 86 -14.52 13.05 -17.11
CA ASP A 86 -14.38 12.33 -15.86
C ASP A 86 -12.91 11.93 -15.73
N ASN A 87 -12.37 11.34 -16.79
CA ASN A 87 -10.96 11.00 -16.87
C ASN A 87 -10.00 12.16 -16.71
N ALA A 88 -10.31 13.31 -17.30
CA ALA A 88 -9.44 14.49 -17.23
C ALA A 88 -9.34 15.04 -15.81
N ILE A 89 -10.40 14.90 -15.05
CA ILE A 89 -10.47 15.44 -13.71
C ILE A 89 -9.61 14.61 -12.81
N ARG A 90 -9.76 13.30 -12.94
CA ARG A 90 -8.95 12.40 -12.16
C ARG A 90 -7.45 12.58 -12.52
N GLU A 91 -7.15 12.59 -13.82
CA GLU A 91 -5.78 12.81 -14.24
C GLU A 91 -5.21 14.07 -13.62
N HIS A 92 -6.04 15.09 -13.53
CA HIS A 92 -5.63 16.39 -13.06
C HIS A 92 -5.26 16.30 -11.58
N LEU A 93 -6.07 15.58 -10.82
CA LEU A 93 -5.79 15.37 -9.42
C LEU A 93 -4.56 14.48 -9.26
N CYS A 94 -4.35 13.54 -10.19
CA CYS A 94 -3.15 12.72 -10.16
C CYS A 94 -1.92 13.58 -10.38
N ILE A 95 -2.03 14.55 -11.27
CA ILE A 95 -0.90 15.41 -11.52
C ILE A 95 -0.66 16.30 -10.31
N ARG A 96 -1.73 16.72 -9.64
CA ARG A 96 -1.57 17.53 -8.45
C ARG A 96 -0.85 16.77 -7.33
N ALA A 97 -1.25 15.53 -7.11
CA ALA A 97 -0.62 14.68 -6.10
C ALA A 97 0.88 14.49 -6.39
N TYR A 98 1.20 14.24 -7.64
CA TYR A 98 2.59 14.09 -8.04
C TYR A 98 3.42 15.34 -7.79
N LEU A 99 2.94 16.49 -8.24
CA LEU A 99 3.65 17.75 -8.07
C LEU A 99 3.90 18.07 -6.60
N GLU A 100 2.91 17.79 -5.77
CA GLU A 100 3.01 17.99 -4.33
C GLU A 100 4.06 17.07 -3.70
N ALA A 101 4.08 15.81 -4.12
CA ALA A 101 5.10 14.86 -3.67
C ALA A 101 6.49 15.40 -3.98
N HIS A 102 6.64 16.15 -5.07
CA HIS A 102 7.96 16.67 -5.39
C HIS A 102 8.28 17.98 -4.67
N GLU A 103 7.25 18.73 -4.33
CA GLU A 103 7.46 19.98 -3.62
C GLU A 103 7.93 19.63 -2.19
N THR A 104 7.13 18.84 -1.48
CA THR A 104 7.48 18.44 -0.14
C THR A 104 8.86 17.75 -0.13
N PHE A 105 9.17 16.98 -1.16
CA PHE A 105 10.45 16.29 -1.18
C PHE A 105 11.59 17.24 -1.36
N ASN A 106 11.41 18.30 -2.12
CA ASN A 106 12.51 19.24 -2.29
C ASN A 106 12.81 19.98 -0.98
N GLU A 107 11.76 20.20 -0.22
CA GLU A 107 11.85 20.91 1.02
C GLU A 107 12.56 20.02 2.05
N TRP A 108 12.12 18.77 2.14
CA TRP A 108 12.74 17.80 3.01
C TRP A 108 14.21 17.66 2.62
N PHE A 109 14.46 17.55 1.34
CA PHE A 109 15.82 17.40 0.87
C PHE A 109 16.72 18.57 1.26
N LYS A 110 16.20 19.79 1.08
CA LYS A 110 16.98 20.98 1.33
C LYS A 110 17.29 21.09 2.82
N HIS A 111 16.31 20.75 3.64
CA HIS A 111 16.50 20.73 5.06
C HIS A 111 17.51 19.67 5.53
N MET A 112 17.40 18.46 4.98
CA MET A 112 18.30 17.38 5.33
C MET A 112 19.74 17.77 5.05
N ASN A 113 19.93 18.69 4.12
CA ASN A 113 21.30 19.08 3.80
C ASN A 113 21.69 20.35 4.52
N SER A 114 20.98 20.62 5.61
CA SER A 114 21.38 21.73 6.45
C SER A 114 21.57 21.21 7.88
N VAL A 115 21.85 19.91 7.98
CA VAL A 115 22.08 19.25 9.25
C VAL A 115 23.26 19.90 10.00
N PRO A 116 23.08 20.21 11.30
CA PRO A 116 24.13 20.89 12.11
C PRO A 116 25.41 20.07 12.25
N GLN A 117 26.56 20.72 12.11
CA GLN A 117 27.85 20.03 12.20
C GLN A 117 28.29 19.76 13.65
N LYS A 118 28.61 18.49 13.94
CA LYS A 118 29.18 18.11 15.23
C LYS A 118 30.33 19.04 15.62
N PRO A 119 30.47 19.35 16.92
CA PRO A 119 31.55 20.22 17.36
C PRO A 119 32.91 19.51 17.23
N ALA A 120 33.92 20.23 16.74
CA ALA A 120 35.26 19.69 16.55
C ALA A 120 36.04 19.58 17.87
N LEU A 121 36.54 18.38 18.14
CA LEU A 121 37.35 18.11 19.33
C LEU A 121 38.79 18.64 19.27
N ILE A 122 39.25 19.13 20.41
CA ILE A 122 40.63 19.53 20.57
C ILE A 122 41.21 18.57 21.59
N PRO A 123 41.52 17.31 21.19
CA PRO A 123 42.24 16.42 22.10
C PRO A 123 43.40 17.14 22.82
N GLN A 124 43.64 16.73 24.07
CA GLN A 124 44.47 17.48 24.99
C GLN A 124 44.02 18.94 25.07
N PRO A 125 42.71 19.14 25.32
CA PRO A 125 42.26 20.50 25.55
C PRO A 125 42.83 21.10 26.85
N THR A 126 43.04 22.39 26.76
CA THR A 126 43.42 23.18 27.89
C THR A 126 42.12 23.31 28.69
N PHE A 127 42.20 23.70 29.96
CA PHE A 127 40.97 23.88 30.72
C PHE A 127 39.99 24.83 30.05
N THR A 128 40.51 25.92 29.52
CA THR A 128 39.67 26.84 28.74
C THR A 128 39.01 26.14 27.57
N GLU A 129 39.73 25.26 26.90
CA GLU A 129 39.14 24.59 25.75
C GLU A 129 38.10 23.58 26.20
N LYS A 130 38.29 22.99 27.38
CA LYS A 130 37.28 22.04 27.87
C LYS A 130 35.94 22.74 28.08
N VAL A 131 35.98 23.90 28.72
CA VAL A 131 34.81 24.74 28.96
C VAL A 131 34.14 25.16 27.65
N ALA A 132 34.92 25.64 26.70
CA ALA A 132 34.34 26.02 25.41
C ALA A 132 33.65 24.83 24.79
N HIS A 133 34.30 23.68 24.84
CA HIS A 133 33.75 22.48 24.25
C HIS A 133 32.50 22.02 24.95
N GLU A 134 32.49 22.04 26.27
CA GLU A 134 31.27 21.71 26.98
C GLU A 134 30.13 22.57 26.44
N HIS A 135 30.39 23.87 26.28
CA HIS A 135 29.35 24.77 25.79
C HIS A 135 28.88 24.42 24.39
N LYS A 136 29.82 24.32 23.44
CA LYS A 136 29.48 24.03 22.05
C LYS A 136 28.72 22.72 21.96
N GLU A 137 29.23 21.70 22.63
CA GLU A 137 28.56 20.40 22.69
C GLU A 137 27.09 20.51 23.07
N LYS A 138 26.76 21.36 24.04
CA LYS A 138 25.38 21.51 24.47
C LYS A 138 24.63 22.36 23.45
N LYS A 139 25.33 23.26 22.80
CA LYS A 139 24.68 24.09 21.82
C LYS A 139 24.33 23.20 20.61
N TYR A 140 25.27 22.33 20.27
CA TYR A 140 25.06 21.42 19.17
C TYR A 140 23.82 20.57 19.44
N GLU A 141 23.68 20.07 20.66
CA GLU A 141 22.51 19.26 20.99
C GLU A 141 21.21 20.04 20.85
N MET A 142 21.29 21.36 21.01
CA MET A 142 20.13 22.20 20.82
C MET A 142 19.85 22.42 19.31
N ASP A 143 20.88 22.83 18.59
CA ASP A 143 20.79 23.13 17.17
C ASP A 143 20.31 21.91 16.43
N PHE A 144 20.83 20.76 16.82
CA PHE A 144 20.47 19.50 16.22
C PHE A 144 19.07 19.02 16.55
N GLY A 145 18.63 19.23 17.78
CA GLY A 145 17.30 18.76 18.18
C GLY A 145 16.22 19.66 17.60
N ILE A 146 16.57 20.92 17.31
CA ILE A 146 15.68 21.78 16.59
C ILE A 146 15.61 21.29 15.12
N TRP A 147 16.77 21.12 14.50
CA TRP A 147 16.86 20.63 13.13
C TRP A 147 16.03 19.37 12.98
N LYS A 148 16.26 18.42 13.86
CA LYS A 148 15.54 17.16 13.83
C LYS A 148 14.05 17.37 14.07
N GLY A 149 13.70 18.47 14.72
CA GLY A 149 12.30 18.70 15.02
C GLY A 149 11.53 19.08 13.77
N HIS A 150 12.11 20.00 13.01
CA HIS A 150 11.59 20.40 11.72
C HIS A 150 11.64 19.21 10.76
N LEU A 151 12.78 18.52 10.73
CA LEU A 151 12.93 17.34 9.90
C LEU A 151 11.76 16.40 10.08
N ASP A 152 11.39 16.13 11.34
CA ASP A 152 10.26 15.26 11.61
C ASP A 152 8.96 15.76 11.00
N ALA A 153 8.74 17.06 10.99
CA ALA A 153 7.52 17.61 10.42
C ALA A 153 7.53 17.34 8.89
N LEU A 154 8.63 17.73 8.26
CA LEU A 154 8.85 17.61 6.85
C LEU A 154 8.78 16.15 6.42
N THR A 155 9.40 15.28 7.21
CA THR A 155 9.41 13.87 6.88
C THR A 155 8.01 13.31 6.92
N ALA A 156 7.22 13.68 7.92
CA ALA A 156 5.90 13.07 7.98
C ALA A 156 5.05 13.51 6.79
N ASP A 157 5.32 14.72 6.31
CA ASP A 157 4.49 15.32 5.29
C ASP A 157 4.83 14.74 3.90
N VAL A 158 6.11 14.62 3.61
CA VAL A 158 6.54 14.07 2.34
C VAL A 158 6.17 12.59 2.23
N LYS A 159 6.18 11.84 3.33
CA LYS A 159 5.69 10.45 3.33
C LYS A 159 4.21 10.40 2.98
N GLU A 160 3.42 11.29 3.58
CA GLU A 160 2.01 11.32 3.23
C GLU A 160 1.82 11.57 1.73
N LYS A 161 2.63 12.44 1.13
CA LYS A 161 2.49 12.76 -0.30
C LYS A 161 2.90 11.61 -1.20
N MET A 162 4.10 11.07 -1.00
CA MET A 162 4.52 9.86 -1.67
C MET A 162 3.46 8.76 -1.63
N TYR A 163 2.90 8.48 -0.46
CA TYR A 163 1.93 7.40 -0.33
C TYR A 163 0.66 7.70 -1.08
N ASN A 164 0.29 8.98 -1.11
CA ASN A 164 -0.86 9.43 -1.89
C ASN A 164 -0.75 9.13 -3.37
N VAL A 165 0.43 9.40 -3.93
CA VAL A 165 0.66 9.04 -5.31
C VAL A 165 0.73 7.53 -5.46
N LEU A 166 1.53 6.90 -4.62
CA LEU A 166 1.83 5.48 -4.79
C LEU A 166 0.59 4.63 -4.58
N LEU A 167 -0.15 4.92 -3.51
CA LEU A 167 -1.42 4.24 -3.25
C LEU A 167 -2.62 5.12 -3.63
N PHE A 168 -2.57 5.71 -4.83
CA PHE A 168 -3.61 6.63 -5.27
C PHE A 168 -4.97 5.97 -5.26
N VAL A 169 -5.93 6.64 -4.64
CA VAL A 169 -7.26 6.10 -4.39
C VAL A 169 -8.00 5.67 -5.66
N ASP A 170 -8.70 4.55 -5.57
CA ASP A 170 -9.63 4.15 -6.62
C ASP A 170 -9.00 3.80 -7.96
N GLY A 171 -8.01 2.92 -7.97
CA GLY A 171 -7.58 2.35 -9.23
C GLY A 171 -6.14 2.61 -9.63
N GLY A 172 -5.52 3.59 -9.01
CA GLY A 172 -4.11 3.81 -9.25
C GLY A 172 -3.77 5.15 -9.87
N TRP A 173 -2.54 5.55 -9.65
CA TRP A 173 -2.07 6.80 -10.19
C TRP A 173 -1.94 6.69 -11.72
N MET A 174 -2.42 7.73 -12.41
CA MET A 174 -2.55 7.73 -13.85
C MET A 174 -3.19 6.47 -14.43
N VAL A 175 -4.25 5.99 -13.81
CA VAL A 175 -5.05 4.93 -14.38
C VAL A 175 -6.51 5.39 -14.45
N ASP A 176 -7.11 5.31 -15.65
CA ASP A 176 -8.52 5.69 -15.84
C ASP A 176 -9.47 4.77 -15.07
N VAL A 177 -10.42 5.37 -14.35
CA VAL A 177 -11.48 4.62 -13.69
C VAL A 177 -12.57 4.29 -14.69
N ARG A 178 -12.69 5.17 -15.68
CA ARG A 178 -13.78 5.19 -16.63
C ARG A 178 -13.35 4.57 -17.95
N GLU A 179 -13.97 3.45 -18.32
CA GLU A 179 -13.54 2.71 -19.51
C GLU A 179 -14.23 3.12 -20.83
N ASP A 180 -15.20 4.02 -20.77
CA ASP A 180 -15.98 4.33 -21.98
C ASP A 180 -15.48 5.47 -22.88
N ALA A 181 -14.28 6.00 -22.60
CA ALA A 181 -13.75 7.06 -23.45
C ALA A 181 -13.33 6.51 -24.79
N LYS A 182 -13.25 7.37 -25.80
CA LYS A 182 -12.80 6.92 -27.12
C LYS A 182 -11.31 6.60 -27.08
N GLU A 183 -10.88 5.73 -27.99
CA GLU A 183 -9.46 5.44 -28.14
C GLU A 183 -8.65 6.72 -28.28
N ASP A 184 -7.61 6.86 -27.46
CA ASP A 184 -6.60 7.90 -27.61
C ASP A 184 -5.27 7.23 -27.28
N HIS A 185 -4.65 6.62 -28.29
CA HIS A 185 -3.51 5.74 -28.05
C HIS A 185 -2.36 6.49 -27.44
N GLU A 186 -2.27 7.77 -27.81
CA GLU A 186 -1.20 8.63 -27.35
C GLU A 186 -1.33 8.83 -25.84
N ARG A 187 -2.50 9.27 -25.40
CA ARG A 187 -2.75 9.52 -24.00
C ARG A 187 -2.50 8.27 -23.17
N THR A 188 -3.09 7.19 -23.64
CA THR A 188 -3.09 5.94 -22.93
C THR A 188 -1.68 5.41 -22.74
N HIS A 189 -0.83 5.58 -23.74
CA HIS A 189 0.53 5.10 -23.58
C HIS A 189 1.46 6.08 -22.89
N GLN A 190 1.14 7.36 -22.99
CA GLN A 190 1.81 8.37 -22.22
C GLN A 190 1.62 8.07 -20.74
N MET A 191 0.40 7.68 -20.37
CA MET A 191 0.09 7.43 -18.96
C MET A 191 0.78 6.18 -18.44
N VAL A 192 0.96 5.17 -19.29
CA VAL A 192 1.66 3.98 -18.89
C VAL A 192 3.13 4.31 -18.75
N LEU A 193 3.59 5.28 -19.53
CA LEU A 193 4.96 5.70 -19.47
C LEU A 193 5.20 6.42 -18.14
N LEU A 194 4.31 7.37 -17.82
CA LEU A 194 4.40 8.11 -16.58
C LEU A 194 4.42 7.17 -15.38
N ARG A 195 3.58 6.15 -15.41
CA ARG A 195 3.63 5.21 -14.32
C ARG A 195 5.01 4.54 -14.20
N LYS A 196 5.64 4.26 -15.34
CA LYS A 196 6.92 3.57 -15.33
C LYS A 196 8.10 4.45 -14.94
N LEU A 197 7.94 5.76 -15.12
CA LEU A 197 8.98 6.74 -14.86
C LEU A 197 8.89 7.30 -13.44
N CYS A 198 7.67 7.31 -12.89
CA CYS A 198 7.35 8.12 -11.73
C CYS A 198 7.15 7.26 -10.51
N LEU A 199 6.53 6.11 -10.67
CA LEU A 199 6.27 5.27 -9.53
C LEU A 199 7.54 4.64 -8.98
N PRO A 200 8.40 4.09 -9.85
CA PRO A 200 9.57 3.50 -9.19
C PRO A 200 10.42 4.60 -8.59
N MET A 201 10.45 5.74 -9.25
CA MET A 201 11.19 6.87 -8.75
C MET A 201 10.71 7.25 -7.35
N LEU A 202 9.39 7.36 -7.18
CA LEU A 202 8.82 7.78 -5.90
C LEU A 202 9.13 6.75 -4.88
N CYS A 203 9.01 5.51 -5.28
CA CYS A 203 9.29 4.43 -4.37
C CYS A 203 10.77 4.49 -3.89
N PHE A 204 11.70 4.86 -4.78
CA PHE A 204 13.09 5.04 -4.37
C PHE A 204 13.33 6.27 -3.50
N LEU A 205 12.75 7.42 -3.89
CA LEU A 205 12.75 8.58 -3.02
C LEU A 205 12.20 8.20 -1.64
N LEU A 206 11.03 7.57 -1.62
CA LEU A 206 10.42 7.20 -0.36
C LEU A 206 11.42 6.37 0.47
N HIS A 207 12.07 5.39 -0.15
CA HIS A 207 13.08 4.63 0.60
C HIS A 207 14.19 5.51 1.15
N THR A 208 14.68 6.45 0.35
CA THR A 208 15.67 7.38 0.85
C THR A 208 15.17 8.14 2.09
N ILE A 209 13.93 8.58 2.05
CA ILE A 209 13.36 9.29 3.18
C ILE A 209 13.27 8.42 4.46
N LEU A 210 12.73 7.22 4.31
CA LEU A 210 12.57 6.32 5.44
C LEU A 210 13.90 5.93 6.03
N HIS A 211 14.85 5.63 5.15
CA HIS A 211 16.13 5.10 5.57
C HIS A 211 16.98 6.19 6.22
N SER A 212 16.87 7.39 5.69
CA SER A 212 17.63 8.54 6.18
C SER A 212 17.19 8.95 7.56
N THR A 213 15.94 8.67 7.88
CA THR A 213 15.40 9.12 9.15
C THR A 213 15.19 7.93 10.08
N GLY A 214 15.88 6.83 9.80
CA GLY A 214 15.92 5.69 10.67
C GLY A 214 14.63 4.91 10.80
N GLN A 215 13.72 5.07 9.85
CA GLN A 215 12.48 4.30 9.87
C GLN A 215 12.62 2.98 9.08
N TYR A 216 13.63 2.21 9.46
CA TYR A 216 13.99 1.02 8.69
C TYR A 216 12.87 -0.03 8.60
N GLN A 217 12.06 -0.14 9.62
CA GLN A 217 11.03 -1.17 9.56
C GLN A 217 10.03 -0.86 8.44
N GLU A 218 9.66 0.42 8.33
CA GLU A 218 8.77 0.85 7.28
C GLU A 218 9.42 0.74 5.87
N CYS A 219 10.74 0.90 5.77
CA CYS A 219 11.43 0.64 4.52
C CYS A 219 11.07 -0.75 4.01
N LEU A 220 11.20 -1.74 4.89
CA LEU A 220 10.98 -3.11 4.49
C LEU A 220 9.55 -3.39 4.11
N GLN A 221 8.63 -2.60 4.66
CA GLN A 221 7.23 -2.73 4.34
C GLN A 221 6.96 -2.14 2.94
N LEU A 222 7.97 -1.53 2.34
CA LEU A 222 7.86 -1.12 0.94
C LEU A 222 7.74 -2.34 0.06
N ALA A 223 8.25 -3.48 0.52
CA ALA A 223 8.13 -4.71 -0.24
C ALA A 223 6.69 -5.21 -0.27
N ASP A 224 5.94 -4.96 0.80
CA ASP A 224 4.49 -5.20 0.83
C ASP A 224 3.82 -4.33 -0.21
N MET A 225 4.03 -3.02 -0.09
CA MET A 225 3.37 -2.04 -0.93
C MET A 225 3.58 -2.32 -2.42
N VAL A 226 4.80 -2.67 -2.78
CA VAL A 226 5.13 -2.84 -4.17
C VAL A 226 4.62 -4.17 -4.71
N SER A 227 4.58 -5.19 -3.86
CA SER A 227 4.26 -6.52 -4.32
C SER A 227 2.75 -6.79 -4.19
N SER A 228 2.03 -5.89 -3.54
CA SER A 228 0.61 -6.09 -3.31
C SER A 228 -0.20 -6.24 -4.60
N GLU A 229 -1.12 -7.21 -4.62
CA GLU A 229 -2.06 -7.40 -5.75
C GLU A 229 -3.08 -6.27 -5.84
N ARG A 230 -3.28 -5.57 -4.74
CA ARG A 230 -4.25 -4.49 -4.70
C ARG A 230 -3.88 -3.42 -5.72
N HIS A 231 -2.64 -2.97 -5.69
CA HIS A 231 -2.19 -1.92 -6.59
C HIS A 231 -1.31 -2.44 -7.72
N LYS A 232 -0.76 -3.65 -7.54
CA LYS A 232 0.06 -4.24 -8.57
C LYS A 232 1.20 -3.33 -9.05
N LEU A 233 1.84 -2.66 -8.09
CA LEU A 233 2.94 -1.73 -8.39
C LEU A 233 4.09 -2.40 -9.10
N TYR A 234 4.34 -3.66 -8.75
CA TYR A 234 5.43 -4.37 -9.39
C TYR A 234 5.33 -4.44 -10.93
N LEU A 235 4.12 -4.35 -11.50
CA LEU A 235 4.02 -4.38 -12.98
C LEU A 235 4.73 -3.19 -13.62
N VAL A 236 5.01 -2.19 -12.80
CA VAL A 236 5.51 -0.96 -13.34
C VAL A 236 7.02 -0.87 -13.20
N PHE A 237 7.59 -1.85 -12.52
CA PHE A 237 9.02 -1.91 -12.31
C PHE A 237 9.62 -2.84 -13.33
N SER A 238 10.80 -2.48 -13.83
CA SER A 238 11.58 -3.40 -14.61
C SER A 238 12.24 -4.37 -13.64
N LYS A 239 12.71 -5.52 -14.11
CA LYS A 239 13.34 -6.47 -13.20
C LYS A 239 14.52 -5.83 -12.50
N GLU A 240 15.24 -4.99 -13.22
CA GLU A 240 16.44 -4.38 -12.70
C GLU A 240 16.11 -3.40 -11.55
N GLU A 241 15.04 -2.65 -11.70
CA GLU A 241 14.63 -1.76 -10.64
C GLU A 241 14.14 -2.56 -9.42
N LEU A 242 13.50 -3.71 -9.63
CA LEU A 242 13.11 -4.54 -8.48
C LEU A 242 14.33 -5.07 -7.74
N ARG A 243 15.39 -5.39 -8.47
CA ARG A 243 16.60 -5.87 -7.85
C ARG A 243 17.21 -4.76 -7.04
N LYS A 244 17.14 -3.56 -7.58
CA LYS A 244 17.75 -2.43 -6.91
C LYS A 244 16.98 -2.17 -5.63
N LEU A 245 15.66 -2.29 -5.72
CA LEU A 245 14.79 -2.08 -4.58
C LEU A 245 15.12 -3.09 -3.50
N LEU A 246 15.23 -4.36 -3.88
CA LEU A 246 15.62 -5.39 -2.93
C LEU A 246 16.97 -5.09 -2.27
N GLN A 247 17.95 -4.70 -3.07
CA GLN A 247 19.25 -4.33 -2.53
C GLN A 247 19.16 -3.16 -1.55
N LYS A 248 18.30 -2.20 -1.85
CA LYS A 248 18.11 -1.10 -0.90
C LYS A 248 17.49 -1.57 0.42
N LEU A 249 16.52 -2.49 0.34
CA LEU A 249 15.85 -2.97 1.54
C LEU A 249 16.86 -3.76 2.38
N ARG A 250 17.69 -4.53 1.72
CA ARG A 250 18.77 -5.20 2.42
C ARG A 250 19.59 -4.22 3.26
N GLU A 251 19.93 -3.05 2.71
CA GLU A 251 20.65 -2.02 3.48
C GLU A 251 19.89 -1.60 4.74
N SER A 252 18.56 -1.61 4.69
CA SER A 252 17.77 -1.21 5.83
C SER A 252 17.80 -2.28 6.89
N SER A 253 17.64 -3.53 6.44
CA SER A 253 17.86 -4.70 7.28
C SER A 253 19.20 -4.67 8.06
N LEU A 254 20.31 -4.42 7.39
CA LEU A 254 21.60 -4.33 8.07
C LEU A 254 21.55 -3.33 9.21
N MET A 255 20.90 -2.20 8.99
CA MET A 255 20.83 -1.17 10.02
C MET A 255 20.01 -1.67 11.21
N LEU A 256 19.00 -2.48 10.92
CA LEU A 256 18.17 -3.08 11.95
C LEU A 256 18.92 -4.16 12.73
N LEU A 257 19.79 -4.91 12.05
CA LEU A 257 20.64 -5.86 12.76
C LEU A 257 21.56 -5.14 13.77
N ASP A 258 22.12 -4.01 13.37
CA ASP A 258 22.97 -3.23 14.25
C ASP A 258 22.23 -2.67 15.45
N GLN A 259 20.91 -2.76 15.44
CA GLN A 259 20.14 -2.25 16.57
C GLN A 259 19.75 -3.39 17.50
N GLY A 260 20.15 -4.60 17.13
CA GLY A 260 19.81 -5.77 17.90
C GLY A 260 18.43 -6.31 17.60
N LEU A 261 17.87 -5.91 16.46
CA LEU A 261 16.60 -6.47 15.99
C LEU A 261 16.85 -7.50 14.89
N ASP A 262 15.81 -8.18 14.46
CA ASP A 262 15.95 -9.05 13.30
C ASP A 262 15.87 -8.21 12.00
N PRO A 263 16.11 -8.83 10.83
CA PRO A 263 16.14 -8.08 9.57
C PRO A 263 14.88 -7.28 9.26
N LEU A 264 13.73 -7.65 9.82
CA LEU A 264 12.50 -6.89 9.60
C LEU A 264 12.14 -5.93 10.73
N GLY A 265 13.03 -5.76 11.70
CA GLY A 265 12.82 -4.79 12.76
C GLY A 265 12.10 -5.34 14.00
N TYR A 266 11.68 -6.58 13.93
CA TYR A 266 11.09 -7.22 15.10
C TYR A 266 12.14 -7.74 16.09
N GLU A 267 11.79 -7.72 17.38
CA GLU A 267 12.69 -8.18 18.44
C GLU A 267 13.06 -9.65 18.25
N ILE A 268 14.31 -9.97 18.52
CA ILE A 268 14.79 -11.35 18.45
C ILE A 268 14.36 -12.04 19.73
N GLN A 269 13.35 -12.90 19.62
CA GLN A 269 12.76 -13.55 20.78
C GLN A 269 13.54 -14.81 21.18
N SER B 3 15.34 -22.57 7.75
CA SER B 3 15.54 -21.27 7.12
C SER B 3 16.11 -20.26 8.12
N HIS B 4 17.38 -19.93 7.96
CA HIS B 4 18.04 -18.97 8.85
C HIS B 4 17.57 -17.56 8.49
N MET B 5 17.39 -16.73 9.51
CA MET B 5 16.79 -15.42 9.31
C MET B 5 17.69 -14.42 8.58
N LEU B 6 18.97 -14.75 8.46
CA LEU B 6 19.91 -13.88 7.78
C LEU B 6 20.25 -14.39 6.39
N SER B 7 19.75 -15.57 6.05
CA SER B 7 20.13 -16.19 4.79
C SER B 7 19.72 -15.37 3.57
N TRP B 8 18.52 -14.80 3.60
CA TRP B 8 18.09 -14.03 2.42
C TRP B 8 18.95 -12.79 2.19
N LEU B 9 19.42 -12.15 3.25
CA LEU B 9 20.32 -11.02 3.08
C LEU B 9 21.53 -11.40 2.25
N HIS B 10 22.21 -12.49 2.61
CA HIS B 10 23.40 -12.91 1.90
C HIS B 10 23.08 -13.35 0.46
N GLU B 11 21.88 -13.87 0.26
CA GLU B 11 21.45 -14.32 -1.06
C GLU B 11 21.11 -13.18 -1.98
N ILE B 12 20.49 -12.14 -1.44
CA ILE B 12 20.21 -10.96 -2.23
C ILE B 12 21.52 -10.32 -2.61
N ASN B 13 22.47 -10.39 -1.70
CA ASN B 13 23.74 -9.74 -1.93
C ASN B 13 24.54 -10.47 -2.99
N SER B 14 24.34 -11.79 -3.06
CA SER B 14 25.03 -12.64 -4.02
C SER B 14 24.24 -12.75 -5.33
N GLN B 15 23.13 -12.03 -5.41
CA GLN B 15 22.36 -12.01 -6.63
C GLN B 15 21.64 -13.34 -6.85
N GLU B 16 21.62 -14.16 -5.80
CA GLU B 16 20.91 -15.43 -5.82
C GLU B 16 19.43 -15.26 -5.47
N LEU B 17 18.67 -14.65 -6.38
CA LEU B 17 17.29 -14.25 -6.08
C LEU B 17 16.25 -15.37 -5.98
N GLU B 18 16.45 -16.44 -6.75
CA GLU B 18 15.54 -17.60 -6.66
C GLU B 18 15.67 -18.22 -5.27
N LYS B 19 16.91 -18.31 -4.81
CA LYS B 19 17.23 -18.81 -3.48
C LYS B 19 16.64 -17.92 -2.36
N ALA B 20 16.80 -16.60 -2.49
CA ALA B 20 16.23 -15.65 -1.53
C ALA B 20 14.73 -15.77 -1.45
N HIS B 21 14.11 -16.04 -2.59
CA HIS B 21 12.66 -16.21 -2.61
C HIS B 21 12.25 -17.42 -1.80
N ALA B 22 12.97 -18.52 -2.01
CA ALA B 22 12.71 -19.75 -1.28
C ALA B 22 12.85 -19.56 0.24
N THR B 23 13.93 -18.93 0.68
CA THR B 23 14.11 -18.71 2.10
C THR B 23 13.14 -17.69 2.71
N LEU B 24 12.76 -16.67 1.93
CA LEU B 24 11.75 -15.73 2.41
C LEU B 24 10.38 -16.41 2.52
N LEU B 25 10.03 -17.24 1.55
CA LEU B 25 8.79 -18.00 1.65
C LEU B 25 8.82 -18.89 2.89
N GLY B 26 9.96 -19.56 3.09
CA GLY B 26 10.20 -20.36 4.28
C GLY B 26 9.99 -19.59 5.57
N LEU B 27 10.69 -18.46 5.72
CA LEU B 27 10.50 -17.64 6.92
C LEU B 27 9.03 -17.27 7.10
N ALA B 28 8.35 -16.99 6.00
CA ALA B 28 6.99 -16.50 6.07
C ALA B 28 6.07 -17.61 6.55
N ASN B 29 6.32 -18.81 6.07
CA ASN B 29 5.54 -19.97 6.52
C ASN B 29 5.77 -20.35 7.99
N MET B 30 6.96 -20.05 8.51
CA MET B 30 7.27 -20.30 9.92
C MET B 30 6.64 -19.27 10.85
N GLU B 31 6.26 -18.13 10.29
CA GLU B 31 5.84 -17.00 11.11
C GLU B 31 4.44 -17.15 11.67
N THR B 32 4.28 -16.82 12.94
CA THR B 32 2.99 -16.92 13.63
C THR B 32 2.86 -15.81 14.68
N ARG B 33 4.01 -15.33 15.14
CA ARG B 33 4.06 -14.35 16.22
C ARG B 33 3.62 -12.94 15.78
N TYR B 34 3.81 -12.62 14.51
CA TYR B 34 3.43 -11.31 14.00
C TYR B 34 2.85 -11.34 12.59
N PHE B 35 1.63 -10.85 12.45
CA PHE B 35 0.98 -10.79 11.15
C PHE B 35 1.72 -9.81 10.22
N ALA B 36 2.05 -8.63 10.73
CA ALA B 36 2.77 -7.62 9.97
C ALA B 36 4.04 -8.18 9.36
N LYS B 37 4.70 -9.04 10.13
CA LYS B 37 5.94 -9.67 9.70
C LYS B 37 5.71 -10.71 8.61
N LYS B 38 4.68 -11.51 8.75
CA LYS B 38 4.41 -12.52 7.73
C LYS B 38 4.18 -11.85 6.38
N LYS B 39 3.41 -10.77 6.38
CA LYS B 39 3.13 -10.01 5.16
C LYS B 39 4.40 -9.48 4.51
N THR B 40 5.21 -8.79 5.30
CA THR B 40 6.46 -8.28 4.83
C THR B 40 7.31 -9.39 4.20
N LEU B 41 7.46 -10.52 4.88
CA LEU B 41 8.25 -11.63 4.35
C LEU B 41 7.67 -12.17 3.06
N LEU B 42 6.35 -12.35 3.04
CA LEU B 42 5.65 -12.73 1.83
C LEU B 42 5.90 -11.73 0.70
N GLY B 43 5.73 -10.45 0.99
CA GLY B 43 5.98 -9.39 0.02
C GLY B 43 7.41 -9.44 -0.51
N LEU B 44 8.37 -9.50 0.41
CA LEU B 44 9.78 -9.68 0.05
C LEU B 44 9.98 -10.91 -0.82
N SER B 45 9.34 -12.01 -0.46
CA SER B 45 9.48 -13.23 -1.22
C SER B 45 8.87 -13.07 -2.63
N LYS B 46 7.78 -12.32 -2.72
CA LYS B 46 7.18 -12.14 -4.03
C LYS B 46 8.07 -11.29 -4.92
N LEU B 47 8.67 -10.25 -4.34
CA LEU B 47 9.59 -9.41 -5.09
C LEU B 47 10.82 -10.17 -5.57
N ALA B 48 11.42 -10.97 -4.70
CA ALA B 48 12.57 -11.79 -5.11
C ALA B 48 12.18 -12.67 -6.27
N ALA B 49 11.02 -13.33 -6.17
CA ALA B 49 10.52 -14.12 -7.31
C ALA B 49 10.43 -13.28 -8.56
N LEU B 50 9.74 -12.13 -8.46
CA LEU B 50 9.55 -11.24 -9.62
C LEU B 50 10.85 -10.71 -10.19
N ALA B 51 11.81 -10.45 -9.30
CA ALA B 51 13.08 -9.89 -9.71
C ALA B 51 14.04 -10.95 -10.26
N SER B 52 13.72 -12.22 -10.07
CA SER B 52 14.66 -13.28 -10.44
C SER B 52 14.51 -13.82 -11.87
N ASP B 53 15.33 -14.83 -12.17
CA ASP B 53 15.39 -15.36 -13.51
C ASP B 53 14.63 -16.67 -13.68
N PHE B 54 13.57 -16.84 -12.90
CA PHE B 54 12.64 -17.92 -13.15
C PHE B 54 12.17 -17.78 -14.58
N SER B 55 11.87 -18.90 -15.23
CA SER B 55 11.19 -18.89 -16.52
C SER B 55 9.77 -18.39 -16.28
N GLU B 56 9.08 -18.02 -17.34
CA GLU B 56 7.71 -17.50 -17.20
C GLU B 56 6.74 -18.57 -16.69
N ASP B 57 7.04 -19.84 -16.95
CA ASP B 57 6.25 -20.95 -16.41
C ASP B 57 6.44 -21.01 -14.90
N MET B 58 7.63 -21.44 -14.50
CA MET B 58 8.03 -21.53 -13.09
C MET B 58 7.59 -20.30 -12.32
N LEU B 59 7.84 -19.13 -12.87
CA LEU B 59 7.47 -17.89 -12.23
C LEU B 59 5.96 -17.85 -12.02
N GLN B 60 5.22 -18.13 -13.08
CA GLN B 60 3.75 -18.17 -13.02
C GLN B 60 3.21 -19.03 -11.88
N GLU B 61 3.85 -20.19 -11.66
CA GLU B 61 3.48 -21.07 -10.57
C GLU B 61 3.70 -20.37 -9.22
N LYS B 62 4.91 -19.86 -9.01
CA LYS B 62 5.27 -19.20 -7.76
C LYS B 62 4.30 -18.08 -7.43
N ILE B 63 4.04 -17.22 -8.40
CA ILE B 63 3.11 -16.12 -8.15
C ILE B 63 1.71 -16.65 -7.88
N GLU B 64 1.44 -17.86 -8.33
CA GLU B 64 0.14 -18.48 -8.05
C GLU B 64 0.08 -19.01 -6.62
N GLU B 65 0.98 -19.94 -6.29
CA GLU B 65 1.01 -20.49 -4.94
C GLU B 65 1.21 -19.39 -3.91
N MET B 66 1.61 -18.21 -4.39
CA MET B 66 1.80 -17.04 -3.55
C MET B 66 0.49 -16.32 -3.41
N ALA B 67 -0.25 -16.26 -4.52
CA ALA B 67 -1.56 -15.61 -4.54
C ALA B 67 -2.54 -16.30 -3.60
N GLU B 68 -2.36 -17.61 -3.45
CA GLU B 68 -3.16 -18.39 -2.53
C GLU B 68 -2.91 -17.90 -1.11
N GLN B 69 -1.63 -17.86 -0.74
CA GLN B 69 -1.20 -17.40 0.58
C GLN B 69 -1.69 -15.98 0.87
N GLU B 70 -1.71 -15.15 -0.16
CA GLU B 70 -2.12 -13.76 -0.01
C GLU B 70 -3.62 -13.67 0.19
N ARG B 71 -4.33 -14.67 -0.33
CA ARG B 71 -5.77 -14.74 -0.15
C ARG B 71 -6.10 -14.97 1.33
N PHE B 72 -5.49 -16.00 1.91
CA PHE B 72 -5.69 -16.28 3.32
C PHE B 72 -5.45 -15.04 4.17
N LEU B 73 -4.27 -14.45 4.02
CA LEU B 73 -3.87 -13.32 4.85
C LEU B 73 -4.78 -12.12 4.64
N LEU B 74 -5.40 -12.05 3.46
CA LEU B 74 -6.28 -10.95 3.14
C LEU B 74 -7.45 -10.91 4.11
N HIS B 75 -7.80 -12.07 4.66
CA HIS B 75 -8.91 -12.16 5.58
C HIS B 75 -8.59 -11.51 6.91
N GLN B 76 -7.48 -11.88 7.52
CA GLN B 76 -7.10 -11.24 8.78
C GLN B 76 -6.82 -9.77 8.54
N GLU B 77 -6.38 -9.45 7.33
CA GLU B 77 -6.04 -8.08 6.98
C GLU B 77 -7.28 -7.18 7.05
N THR B 78 -8.39 -7.68 6.53
CA THR B 78 -9.62 -6.90 6.40
C THR B 78 -10.53 -6.88 7.64
N LEU B 79 -10.04 -7.37 8.77
CA LEU B 79 -10.82 -7.34 10.00
C LEU B 79 -11.32 -5.93 10.31
N PRO B 80 -12.65 -5.76 10.42
CA PRO B 80 -13.31 -4.48 10.70
C PRO B 80 -12.66 -3.73 11.86
N GLU B 81 -12.60 -2.40 11.75
CA GLU B 81 -11.89 -1.58 12.73
C GLU B 81 -12.71 -1.33 13.99
N GLN B 82 -13.96 -1.77 13.97
CA GLN B 82 -14.88 -1.57 15.09
C GLN B 82 -14.64 -2.60 16.20
N LEU B 83 -14.26 -3.81 15.80
CA LEU B 83 -14.05 -4.89 16.78
C LEU B 83 -12.58 -5.02 17.17
N LEU B 84 -11.68 -4.45 16.36
CA LEU B 84 -10.27 -4.44 16.71
C LEU B 84 -10.02 -3.48 17.85
N ALA B 85 -10.94 -2.53 18.01
CA ALA B 85 -10.88 -1.58 19.11
C ALA B 85 -11.67 -2.10 20.31
N GLU B 86 -12.84 -2.69 20.03
CA GLU B 86 -13.67 -3.29 21.07
C GLU B 86 -12.92 -4.42 21.79
N LYS B 87 -12.16 -5.19 21.02
CA LYS B 87 -11.35 -6.27 21.59
C LYS B 87 -10.00 -5.75 22.08
N GLN B 88 -9.82 -4.44 22.00
CA GLN B 88 -8.61 -3.77 22.48
C GLN B 88 -7.35 -4.31 21.80
N LEU B 89 -7.54 -4.92 20.63
CA LEU B 89 -6.45 -5.57 19.89
C LEU B 89 -5.38 -4.59 19.39
N ASN B 90 -4.25 -5.14 18.95
CA ASN B 90 -3.13 -4.34 18.47
C ASN B 90 -3.07 -4.30 16.95
N LEU B 91 -3.11 -3.09 16.39
CA LEU B 91 -3.16 -2.89 14.95
C LEU B 91 -2.37 -3.93 14.16
N SER B 92 -1.04 -3.90 14.30
CA SER B 92 -0.15 -4.79 13.56
C SER B 92 0.69 -5.56 14.57
N ALA B 93 0.61 -5.11 15.82
CA ALA B 93 1.31 -5.75 16.92
C ALA B 93 0.51 -6.96 17.40
N MET B 94 0.16 -7.84 16.47
CA MET B 94 -0.65 -9.01 16.77
C MET B 94 -0.28 -10.22 15.92
N PRO B 95 -0.48 -11.43 16.47
CA PRO B 95 -0.03 -12.71 15.89
C PRO B 95 -0.77 -13.08 14.62
N VAL B 96 -0.35 -14.18 14.00
CA VAL B 96 -0.97 -14.69 12.78
C VAL B 96 -2.15 -15.58 13.11
N LEU B 97 -3.35 -15.03 13.08
CA LEU B 97 -4.55 -15.78 13.43
C LEU B 97 -4.76 -16.95 12.48
N THR B 98 -5.52 -17.93 12.95
CA THR B 98 -5.88 -19.09 12.13
C THR B 98 -7.30 -18.94 11.63
N ALA B 99 -7.65 -19.72 10.59
CA ALA B 99 -9.02 -19.73 10.08
C ALA B 99 -10.06 -19.86 11.20
N PRO B 100 -9.80 -20.74 12.18
CA PRO B 100 -10.71 -20.85 13.33
C PRO B 100 -10.93 -19.52 14.05
N GLN B 101 -9.89 -18.95 14.64
CA GLN B 101 -10.04 -17.76 15.48
C GLN B 101 -10.53 -16.57 14.67
N LEU B 102 -10.45 -16.67 13.35
CA LEU B 102 -10.95 -15.62 12.47
C LEU B 102 -12.45 -15.74 12.30
N ILE B 103 -12.90 -16.91 11.84
CA ILE B 103 -14.33 -17.19 11.68
C ILE B 103 -15.09 -16.79 12.93
N GLY B 104 -14.57 -17.21 14.08
CA GLY B 104 -15.18 -16.89 15.35
C GLY B 104 -15.17 -15.40 15.61
N LEU B 105 -14.03 -14.77 15.35
CA LEU B 105 -13.87 -13.35 15.64
C LEU B 105 -14.61 -12.49 14.61
N TYR B 106 -14.82 -13.06 13.42
CA TYR B 106 -15.55 -12.37 12.35
C TYR B 106 -17.06 -12.40 12.58
N ILE B 107 -17.49 -13.20 13.55
CA ILE B 107 -18.90 -13.39 13.80
C ILE B 107 -19.25 -13.06 15.26
N CYS B 108 -18.27 -12.60 16.02
CA CYS B 108 -18.50 -12.25 17.41
C CYS B 108 -19.49 -11.10 17.56
N GLU B 109 -20.16 -11.07 18.70
CA GLU B 109 -21.19 -10.06 18.96
C GLU B 109 -20.56 -8.71 19.20
N GLU B 110 -19.23 -8.68 19.30
CA GLU B 110 -18.48 -7.43 19.39
C GLU B 110 -18.43 -6.82 18.00
N ASN B 111 -18.39 -7.69 16.99
CA ASN B 111 -18.43 -7.28 15.60
C ASN B 111 -19.84 -6.88 15.20
N ARG B 112 -20.25 -5.68 15.61
CA ARG B 112 -21.60 -5.21 15.37
C ARG B 112 -22.00 -5.18 13.90
N ARG B 113 -21.35 -4.32 13.13
CA ARG B 113 -21.75 -4.06 11.75
C ARG B 113 -21.66 -5.27 10.80
N ALA B 114 -21.33 -6.43 11.33
CA ALA B 114 -21.20 -7.64 10.52
C ALA B 114 -22.25 -7.69 9.42
N ASN B 115 -21.81 -7.56 8.17
CA ASN B 115 -22.72 -7.62 7.04
C ASN B 115 -22.53 -8.89 6.21
N GLU B 116 -23.03 -8.88 4.97
CA GLU B 116 -22.94 -10.05 4.09
C GLU B 116 -21.52 -10.58 4.00
N TYR B 117 -20.60 -9.70 3.60
CA TYR B 117 -19.22 -10.10 3.33
C TYR B 117 -18.51 -10.68 4.54
N ASP B 118 -18.73 -10.08 5.71
CA ASP B 118 -18.16 -10.61 6.94
C ASP B 118 -18.46 -12.08 7.09
N PHE B 119 -19.65 -12.48 6.64
CA PHE B 119 -20.08 -13.87 6.72
C PHE B 119 -19.67 -14.67 5.50
N LYS B 120 -19.82 -14.08 4.32
CA LYS B 120 -19.37 -14.73 3.09
C LYS B 120 -17.89 -15.10 3.21
N LYS B 121 -17.09 -14.18 3.74
CA LYS B 121 -15.68 -14.43 3.99
C LYS B 121 -15.52 -15.50 5.06
N ALA B 122 -16.37 -15.44 6.07
CA ALA B 122 -16.34 -16.44 7.14
C ALA B 122 -16.58 -17.85 6.60
N LEU B 123 -17.36 -17.98 5.53
CA LEU B 123 -17.60 -19.29 4.94
C LEU B 123 -16.51 -19.69 3.95
N ASP B 124 -15.59 -18.77 3.70
CA ASP B 124 -14.47 -19.03 2.82
C ASP B 124 -13.32 -19.58 3.65
N LEU B 125 -13.24 -19.12 4.89
CA LEU B 125 -12.20 -19.57 5.82
C LEU B 125 -12.52 -20.95 6.38
N LEU B 126 -13.07 -21.81 5.54
CA LEU B 126 -13.36 -23.18 5.95
C LEU B 126 -12.31 -24.14 5.40
N GLU B 127 -11.76 -23.80 4.25
CA GLU B 127 -10.77 -24.65 3.60
C GLU B 127 -9.39 -24.49 4.22
N TYR B 128 -9.26 -23.58 5.18
CA TYR B 128 -7.98 -23.29 5.80
C TYR B 128 -7.90 -23.81 7.24
N ILE B 129 -8.45 -24.99 7.48
CA ILE B 129 -8.55 -25.53 8.84
C ILE B 129 -7.50 -26.60 9.15
N ASP B 130 -7.61 -27.75 8.48
CA ASP B 130 -6.77 -28.93 8.68
C ASP B 130 -7.51 -30.08 9.34
N ILE B 135 -11.51 -29.26 13.93
CA ILE B 135 -12.36 -30.33 14.46
C ILE B 135 -13.63 -30.48 13.64
N ASN B 136 -14.77 -30.46 14.31
CA ASN B 136 -16.06 -30.49 13.62
C ASN B 136 -16.15 -29.37 12.60
N ILE B 137 -16.45 -29.72 11.35
CA ILE B 137 -16.51 -28.72 10.28
C ILE B 137 -17.88 -28.08 10.16
N ASN B 138 -18.91 -28.91 10.04
CA ASN B 138 -20.26 -28.39 9.91
C ASN B 138 -20.85 -27.89 11.22
N ASP B 139 -20.15 -28.13 12.32
CA ASP B 139 -20.55 -27.60 13.62
C ASP B 139 -20.59 -26.07 13.61
N LEU B 140 -19.51 -25.48 13.11
CA LEU B 140 -19.44 -24.03 12.97
C LEU B 140 -20.20 -23.59 11.71
N LYS B 141 -20.15 -24.42 10.68
CA LYS B 141 -20.88 -24.15 9.44
C LYS B 141 -22.28 -23.66 9.75
N LEU B 142 -22.88 -24.24 10.79
CA LEU B 142 -24.19 -23.85 11.26
C LEU B 142 -24.08 -22.64 12.18
N GLU B 143 -23.27 -22.77 13.23
CA GLU B 143 -23.10 -21.73 14.24
C GLU B 143 -22.98 -20.33 13.62
N ILE B 144 -22.47 -20.27 12.40
CA ILE B 144 -22.38 -19.01 11.68
C ILE B 144 -23.72 -18.65 11.03
N LEU B 145 -24.31 -19.60 10.31
CA LEU B 145 -25.60 -19.40 9.69
C LEU B 145 -26.64 -19.08 10.74
N CYS B 146 -26.33 -19.43 11.99
CA CYS B 146 -27.18 -19.12 13.14
C CYS B 146 -27.11 -17.62 13.48
N LYS B 147 -25.92 -17.16 13.82
CA LYS B 147 -25.72 -15.76 14.17
C LYS B 147 -25.89 -14.85 12.95
N ALA B 148 -26.03 -15.48 11.78
CA ALA B 148 -26.32 -14.75 10.55
C ALA B 148 -27.80 -14.37 10.52
N LEU B 149 -28.53 -14.87 11.51
CA LEU B 149 -29.96 -14.62 11.62
C LEU B 149 -30.28 -13.74 12.82
N GLN B 150 -29.57 -13.99 13.92
CA GLN B 150 -29.76 -13.20 15.14
C GLN B 150 -29.60 -11.71 14.86
N ARG B 151 -28.79 -11.40 13.85
CA ARG B 151 -28.57 -10.01 13.44
C ARG B 151 -29.67 -9.56 12.49
N ASP B 152 -30.27 -10.51 11.79
CA ASP B 152 -31.36 -10.22 10.85
C ASP B 152 -32.57 -9.58 11.53
N ASN B 153 -32.64 -9.72 12.86
CA ASN B 153 -33.73 -9.16 13.64
C ASN B 153 -35.09 -9.31 12.95
N TRP B 154 -35.61 -10.53 12.93
CA TRP B 154 -36.88 -10.82 12.28
C TRP B 154 -38.07 -10.23 13.04
N VAL B 166 -32.93 -10.59 5.69
CA VAL B 166 -32.25 -9.59 4.86
C VAL B 166 -30.85 -10.03 4.45
N SER B 167 -30.05 -10.43 5.43
CA SER B 167 -28.66 -10.81 5.18
C SER B 167 -28.53 -12.28 4.80
N LYS B 168 -29.10 -13.16 5.62
CA LYS B 168 -29.09 -14.58 5.31
C LYS B 168 -29.62 -14.75 3.89
N ASP B 169 -30.58 -13.89 3.53
CA ASP B 169 -31.10 -13.86 2.17
C ASP B 169 -29.94 -13.60 1.21
N SER B 170 -29.21 -12.53 1.47
CA SER B 170 -28.13 -12.07 0.59
C SER B 170 -26.93 -13.02 0.57
N ILE B 171 -26.61 -13.64 1.71
CA ILE B 171 -25.50 -14.58 1.76
C ILE B 171 -25.78 -15.76 0.84
N PHE B 172 -27.05 -16.20 0.80
CA PHE B 172 -27.48 -17.24 -0.11
C PHE B 172 -27.48 -16.70 -1.53
N VAL B 173 -27.89 -15.45 -1.67
CA VAL B 173 -27.76 -14.75 -2.94
C VAL B 173 -26.32 -14.83 -3.40
N LYS B 174 -25.41 -14.84 -2.42
CA LYS B 174 -23.98 -14.72 -2.69
C LYS B 174 -23.27 -16.06 -2.92
N ILE B 175 -23.96 -17.17 -2.70
CA ILE B 175 -23.29 -18.48 -2.82
C ILE B 175 -23.13 -18.96 -4.28
N LEU B 176 -24.10 -18.67 -5.13
CA LEU B 176 -23.98 -19.05 -6.53
C LEU B 176 -23.56 -17.86 -7.38
N LEU B 190 -25.64 -26.52 -2.33
CA LEU B 190 -26.37 -25.79 -1.32
C LEU B 190 -26.69 -26.68 -0.13
N PRO B 191 -26.55 -27.99 -0.33
CA PRO B 191 -26.74 -28.96 0.73
C PRO B 191 -25.80 -28.77 1.91
N GLU B 192 -25.06 -27.68 2.02
CA GLU B 192 -24.15 -27.51 3.15
C GLU B 192 -24.89 -26.95 4.35
N VAL B 193 -25.92 -26.16 4.09
CA VAL B 193 -26.72 -25.55 5.14
C VAL B 193 -27.56 -26.59 5.87
N LYS B 194 -27.95 -26.29 7.10
CA LYS B 194 -28.76 -27.20 7.90
C LYS B 194 -30.19 -26.67 8.05
N ASP B 195 -31.11 -27.57 8.42
CA ASP B 195 -32.51 -27.20 8.59
C ASP B 195 -33.04 -27.69 9.93
N LEU B 196 -33.50 -28.93 9.97
CA LEU B 196 -34.04 -29.52 11.19
C LEU B 196 -33.10 -29.29 12.37
N LEU B 197 -31.84 -29.67 12.20
CA LEU B 197 -30.82 -29.51 13.27
C LEU B 197 -30.53 -28.03 13.68
N GLN B 198 -30.51 -27.12 12.69
CA GLN B 198 -30.43 -25.65 12.98
C GLN B 198 -31.38 -25.23 14.14
N ALA B 199 -32.67 -25.51 13.99
CA ALA B 199 -33.65 -25.19 15.01
C ALA B 199 -33.37 -25.82 16.39
N ASP B 200 -33.03 -27.11 16.40
CA ASP B 200 -32.48 -27.84 17.58
C ASP B 200 -31.89 -27.00 18.73
N GLU B 212 -38.53 -19.80 11.93
CA GLU B 212 -39.18 -21.06 11.64
C GLU B 212 -40.34 -20.86 10.71
N PHE B 213 -41.05 -19.75 10.86
CA PHE B 213 -42.06 -19.36 9.90
C PHE B 213 -41.34 -18.96 8.63
N VAL B 214 -40.45 -17.97 8.76
CA VAL B 214 -39.67 -17.47 7.64
C VAL B 214 -38.56 -18.43 7.22
N LEU B 215 -37.95 -19.10 8.20
CA LEU B 215 -36.93 -20.09 7.91
C LEU B 215 -37.38 -20.97 6.75
N LYS B 216 -38.57 -21.54 6.90
CA LYS B 216 -39.16 -22.39 5.87
C LYS B 216 -39.38 -21.60 4.58
N ALA B 217 -39.89 -20.38 4.72
CA ALA B 217 -40.09 -19.50 3.58
C ALA B 217 -38.79 -19.40 2.76
N ASN B 218 -37.69 -19.14 3.47
CA ASN B 218 -36.39 -19.11 2.84
C ASN B 218 -35.99 -20.50 2.34
N TYR B 219 -36.23 -21.52 3.16
CA TYR B 219 -35.91 -22.89 2.80
C TYR B 219 -36.83 -23.40 1.70
N GLU B 220 -37.61 -22.49 1.13
CA GLU B 220 -38.46 -22.78 -0.01
C GLU B 220 -37.91 -22.06 -1.23
N TYR B 221 -37.58 -20.78 -1.05
CA TYR B 221 -36.95 -20.00 -2.10
C TYR B 221 -35.60 -20.62 -2.45
N TYR B 222 -34.97 -21.24 -1.45
CA TYR B 222 -33.70 -21.94 -1.65
C TYR B 222 -33.87 -23.11 -2.59
N VAL B 223 -34.96 -23.86 -2.40
CA VAL B 223 -35.29 -24.98 -3.28
C VAL B 223 -35.35 -24.55 -4.74
N GLN B 224 -36.19 -23.54 -5.03
CA GLN B 224 -36.33 -23.02 -6.38
C GLN B 224 -35.04 -22.38 -6.88
N GLY B 225 -34.18 -21.98 -5.95
CA GLY B 225 -32.91 -21.37 -6.28
C GLY B 225 -31.84 -22.39 -6.60
N GLN B 226 -31.65 -23.37 -5.72
CA GLN B 226 -30.64 -24.39 -5.90
C GLN B 226 -30.99 -25.35 -7.03
N ILE B 227 -32.27 -25.48 -7.34
CA ILE B 227 -32.73 -26.36 -8.40
C ILE B 227 -32.80 -25.61 -9.73
#